data_7O6O
#
_entry.id   7O6O
#
_cell.length_a   82.615
_cell.length_b   112.572
_cell.length_c   62.652
_cell.angle_alpha   90.000
_cell.angle_beta   90.000
_cell.angle_gamma   90.000
#
_symmetry.space_group_name_H-M   'C 2 2 21'
#
loop_
_entity.id
_entity.type
_entity.pdbx_description
1 polymer '14-3-3 protein sigma'
2 polymer 'Transcription factor p65'
3 non-polymer '(5-methanoyl-2-nitro-phenyl) propane-2-sulfonate'
4 non-polymer 'CHLORIDE ION'
5 non-polymer 'CALCIUM ION'
6 water water
#
loop_
_entity_poly.entity_id
_entity_poly.type
_entity_poly.pdbx_seq_one_letter_code
_entity_poly.pdbx_strand_id
1 'polypeptide(L)'
;GAMGSMERASLIQKAKLAEQAERYEDMAAFMKGAVEKGEELS(CSO)EERNLLSVAYKNVVGGQRAAWRVLSSIEQKSNE
EGSEEKGPEVREYREKVETELQGVCDTVLGLLDSHLIKEAGDAESRVFYLKMKGDYYRYLAEVATGDDKKRIIDSARSAY
QEAMDISKKEMPPTNPIRLGLALNFSVFHYEIANSPEEAISLAKTTFDEAMADLHTLSEDSYKDSTLIMQLLRDNLTLWT
;
A
2 'polypeptide(L)' EGRSAG(SEP)IPGRRS P
#
loop_
_chem_comp.id
_chem_comp.type
_chem_comp.name
_chem_comp.formula
CA non-polymer 'CALCIUM ION' 'Ca 2'
CL non-polymer 'CHLORIDE ION' 'Cl -1'
V3Z non-polymer '(5-methanoyl-2-nitro-phenyl) propane-2-sulfonate' 'C10 H11 N O6 S'
#
# COMPACT_ATOMS: atom_id res chain seq x y z
N ALA A 2 -5.16 8.83 22.36
CA ALA A 2 -3.76 8.58 22.68
C ALA A 2 -2.94 9.83 22.40
N MET A 3 -3.03 10.31 21.15
CA MET A 3 -2.34 11.51 20.72
C MET A 3 -3.24 12.73 20.77
N GLY A 4 -4.40 12.62 21.41
CA GLY A 4 -5.37 13.70 21.35
C GLY A 4 -4.92 15.00 21.97
N SER A 5 -3.97 14.94 22.91
N SER A 5 -3.97 14.94 22.91
CA SER A 5 -3.50 16.17 23.53
CA SER A 5 -3.48 16.15 23.55
C SER A 5 -2.36 16.86 22.79
C SER A 5 -2.37 16.87 22.78
N MET A 6 -1.82 16.25 21.73
CA MET A 6 -0.72 16.86 21.00
C MET A 6 -1.25 17.62 19.78
N GLU A 7 -0.64 18.78 19.53
CA GLU A 7 -0.98 19.59 18.37
C GLU A 7 -0.78 18.81 17.07
N ARG A 8 -1.66 19.05 16.10
CA ARG A 8 -1.50 18.43 14.79
C ARG A 8 -0.11 18.70 14.22
N ALA A 9 0.34 19.96 14.27
CA ALA A 9 1.63 20.27 13.66
C ALA A 9 2.77 19.56 14.38
N SER A 10 2.64 19.36 15.69
CA SER A 10 3.66 18.64 16.45
C SER A 10 3.68 17.17 16.10
N LEU A 11 2.51 16.57 15.89
CA LEU A 11 2.46 15.17 15.47
C LEU A 11 3.15 14.99 14.13
N ILE A 12 2.91 15.92 13.20
N ILE A 12 2.93 15.92 13.20
CA ILE A 12 3.54 15.83 11.89
CA ILE A 12 3.56 15.77 11.89
C ILE A 12 5.05 15.96 12.01
C ILE A 12 5.07 15.97 12.00
N GLN A 13 5.50 16.95 12.81
CA GLN A 13 6.94 17.13 13.03
C GLN A 13 7.57 15.88 13.64
N LYS A 14 6.90 15.31 14.65
CA LYS A 14 7.43 14.10 15.27
C LYS A 14 7.40 12.90 14.32
N ALA A 15 6.40 12.81 13.43
CA ALA A 15 6.41 11.75 12.44
C ALA A 15 7.65 11.84 11.54
N LYS A 16 8.03 13.07 11.16
CA LYS A 16 9.22 13.23 10.33
C LYS A 16 10.48 12.85 11.08
N LEU A 17 10.56 13.20 12.37
CA LEU A 17 11.70 12.81 13.19
C LEU A 17 11.74 11.30 13.37
N ALA A 18 10.58 10.68 13.60
CA ALA A 18 10.54 9.24 13.77
C ALA A 18 11.02 8.53 12.50
N GLU A 19 10.67 9.07 11.33
CA GLU A 19 11.20 8.50 10.09
C GLU A 19 12.72 8.57 10.04
N GLN A 20 13.29 9.72 10.40
CA GLN A 20 14.75 9.84 10.43
C GLN A 20 15.39 8.86 11.39
N ALA A 21 14.72 8.58 12.51
CA ALA A 21 15.23 7.67 13.53
C ALA A 21 14.88 6.22 13.25
N GLU A 22 14.20 5.93 12.13
CA GLU A 22 13.73 4.60 11.79
C GLU A 22 12.86 3.98 12.89
N ARG A 23 12.02 4.82 13.49
CA ARG A 23 11.08 4.41 14.52
C ARG A 23 9.69 4.41 13.89
N TYR A 24 9.42 3.37 13.11
CA TYR A 24 8.22 3.40 12.26
C TYR A 24 6.94 3.15 13.03
N GLU A 25 6.99 2.38 14.12
N GLU A 25 6.99 2.38 14.12
CA GLU A 25 5.81 2.25 14.96
CA GLU A 25 5.81 2.25 14.96
C GLU A 25 5.41 3.60 15.56
C GLU A 25 5.41 3.60 15.56
N ASP A 26 6.39 4.35 16.09
CA ASP A 26 6.11 5.70 16.55
C ASP A 26 5.57 6.55 15.42
N MET A 27 6.20 6.47 14.25
CA MET A 27 5.80 7.30 13.13
C MET A 27 4.32 7.04 12.80
N ALA A 28 3.92 5.75 12.80
CA ALA A 28 2.54 5.41 12.49
C ALA A 28 1.59 5.94 13.55
N ALA A 29 1.97 5.85 14.83
CA ALA A 29 1.11 6.37 15.88
C ALA A 29 0.97 7.89 15.76
N PHE A 30 2.06 8.59 15.45
CA PHE A 30 1.98 10.04 15.25
C PHE A 30 1.05 10.37 14.09
N MET A 31 1.17 9.63 12.98
CA MET A 31 0.33 9.95 11.83
C MET A 31 -1.12 9.56 12.04
N LYS A 32 -1.39 8.46 12.75
CA LYS A 32 -2.75 8.15 13.16
C LYS A 32 -3.35 9.29 13.99
N GLY A 33 -2.57 9.79 14.95
CA GLY A 33 -3.02 10.95 15.71
C GLY A 33 -3.32 12.14 14.82
N ALA A 34 -2.46 12.39 13.83
CA ALA A 34 -2.71 13.52 12.93
C ALA A 34 -4.00 13.33 12.13
N VAL A 35 -4.22 12.12 11.60
CA VAL A 35 -5.46 11.85 10.88
C VAL A 35 -6.67 12.10 11.79
N GLU A 36 -6.58 11.63 13.04
CA GLU A 36 -7.72 11.75 13.94
C GLU A 36 -8.03 13.18 14.35
N LYS A 37 -7.17 14.15 14.01
CA LYS A 37 -7.55 15.54 14.19
C LYS A 37 -8.70 15.94 13.29
N GLY A 38 -8.97 15.18 12.24
CA GLY A 38 -10.17 15.37 11.44
C GLY A 38 -9.99 16.22 10.20
N GLU A 39 -8.85 16.88 10.04
CA GLU A 39 -8.60 17.67 8.84
C GLU A 39 -8.06 16.78 7.72
N GLU A 40 -8.28 17.22 6.49
CA GLU A 40 -7.68 16.53 5.34
C GLU A 40 -6.15 16.59 5.42
N LEU A 41 -5.49 15.66 4.73
CA LEU A 41 -4.03 15.56 4.71
C LEU A 41 -3.52 16.16 3.41
N SER A 42 -2.44 16.89 3.51
CA SER A 42 -1.73 17.38 2.34
C SER A 42 -1.00 16.23 1.64
N CSO A 43 -0.44 16.50 0.47
CA CSO A 43 0.29 15.48 -0.27
CB CSO A 43 0.77 16.13 -1.58
SG CSO A 43 1.78 15.00 -2.55
C CSO A 43 1.45 14.91 0.57
O CSO A 43 1.60 13.69 0.68
OD CSO A 43 3.49 15.12 -2.04
N GLU A 44 2.24 15.79 1.18
CA GLU A 44 3.36 15.34 2.01
C GLU A 44 2.87 14.51 3.20
N GLU A 45 1.77 14.95 3.83
CA GLU A 45 1.24 14.22 4.99
C GLU A 45 0.69 12.85 4.61
N ARG A 46 0.04 12.74 3.44
CA ARG A 46 -0.39 11.43 2.96
C ARG A 46 0.80 10.52 2.78
N ASN A 47 1.90 11.04 2.21
CA ASN A 47 3.09 10.22 2.05
C ASN A 47 3.63 9.76 3.41
N LEU A 48 3.61 10.63 4.41
CA LEU A 48 4.10 10.21 5.74
C LEU A 48 3.23 9.11 6.31
N LEU A 49 1.92 9.24 6.18
CA LEU A 49 1.01 8.18 6.66
C LEU A 49 1.31 6.87 5.97
N SER A 50 1.52 6.90 4.65
CA SER A 50 1.74 5.67 3.90
C SER A 50 3.07 5.05 4.24
N VAL A 51 4.13 5.86 4.33
CA VAL A 51 5.45 5.33 4.65
C VAL A 51 5.46 4.67 6.02
N ALA A 52 4.80 5.30 7.00
CA ALA A 52 4.80 4.78 8.36
C ALA A 52 4.19 3.39 8.39
N TYR A 53 2.97 3.26 7.87
CA TYR A 53 2.29 1.98 7.96
C TYR A 53 2.89 0.94 7.03
N LYS A 54 3.46 1.36 5.90
CA LYS A 54 4.13 0.41 5.02
C LYS A 54 5.27 -0.28 5.73
N ASN A 55 6.05 0.48 6.46
CA ASN A 55 7.16 -0.09 7.21
C ASN A 55 6.66 -0.99 8.33
N VAL A 56 5.62 -0.57 9.05
CA VAL A 56 5.11 -1.41 10.14
C VAL A 56 4.60 -2.73 9.59
N VAL A 57 3.71 -2.67 8.60
N VAL A 57 3.68 -2.68 8.63
CA VAL A 57 3.14 -3.90 8.08
CA VAL A 57 3.15 -3.92 8.08
C VAL A 57 4.18 -4.70 7.30
C VAL A 57 4.25 -4.71 7.39
N GLY A 58 5.20 -4.03 6.76
CA GLY A 58 6.24 -4.74 6.05
C GLY A 58 7.06 -5.62 6.97
N GLY A 59 7.34 -5.14 8.17
CA GLY A 59 8.03 -5.97 9.14
C GLY A 59 7.18 -7.17 9.54
N GLN A 60 5.88 -6.94 9.74
CA GLN A 60 4.98 -8.02 10.14
C GLN A 60 4.83 -9.05 9.03
N ARG A 61 4.71 -8.59 7.78
CA ARG A 61 4.58 -9.53 6.67
C ARG A 61 5.84 -10.38 6.52
N ALA A 62 7.01 -9.77 6.67
CA ALA A 62 8.26 -10.54 6.57
C ALA A 62 8.33 -11.58 7.68
N ALA A 63 7.92 -11.22 8.89
CA ALA A 63 7.94 -12.18 9.99
C ALA A 63 6.91 -13.29 9.78
N TRP A 64 5.72 -12.94 9.31
CA TRP A 64 4.70 -13.94 9.03
C TRP A 64 5.18 -14.93 7.98
N ARG A 65 5.88 -14.45 6.96
CA ARG A 65 6.36 -15.35 5.93
C ARG A 65 7.42 -16.30 6.47
N VAL A 66 8.31 -15.80 7.34
CA VAL A 66 9.31 -16.67 7.97
C VAL A 66 8.62 -17.76 8.78
N LEU A 67 7.65 -17.36 9.61
CA LEU A 67 6.99 -18.30 10.49
C LEU A 67 6.13 -19.28 9.72
N SER A 68 5.43 -18.79 8.68
N SER A 68 5.43 -18.79 8.69
CA SER A 68 4.60 -19.67 7.87
CA SER A 68 4.60 -19.69 7.88
C SER A 68 5.44 -20.73 7.17
C SER A 68 5.46 -20.75 7.19
N SER A 69 6.65 -20.36 6.73
CA SER A 69 7.54 -21.32 6.07
C SER A 69 8.02 -22.38 7.05
N ILE A 70 8.36 -21.98 8.26
CA ILE A 70 8.75 -22.95 9.29
C ILE A 70 7.59 -23.87 9.61
N GLU A 71 6.38 -23.30 9.73
CA GLU A 71 5.20 -24.09 10.07
C GLU A 71 4.90 -25.12 8.99
N GLN A 72 5.04 -24.73 7.73
CA GLN A 72 4.78 -25.67 6.64
C GLN A 72 5.80 -26.78 6.59
N LYS A 73 7.05 -26.50 6.94
CA LYS A 73 8.06 -27.55 7.05
C LYS A 73 7.70 -28.55 8.14
N SER A 74 7.17 -28.07 9.27
CA SER A 74 6.85 -28.95 10.37
C SER A 74 5.68 -29.87 10.07
N ASN A 75 4.83 -29.50 9.12
CA ASN A 75 3.66 -30.31 8.78
C ASN A 75 3.87 -31.03 7.45
N GLY A 83 5.31 -29.53 18.67
CA GLY A 83 4.42 -28.81 19.57
C GLY A 83 3.64 -27.72 18.87
N PRO A 84 2.75 -27.06 19.60
CA PRO A 84 1.93 -26.00 18.98
C PRO A 84 2.65 -24.67 18.81
N GLU A 85 3.92 -24.55 19.19
CA GLU A 85 4.52 -23.23 19.35
C GLU A 85 4.65 -22.48 18.03
N VAL A 86 5.03 -23.16 16.94
CA VAL A 86 5.23 -22.45 15.69
C VAL A 86 3.90 -21.89 15.19
N ARG A 87 2.86 -22.73 15.22
CA ARG A 87 1.53 -22.27 14.83
C ARG A 87 1.05 -21.16 15.76
N GLU A 88 1.23 -21.33 17.07
CA GLU A 88 0.74 -20.32 18.00
C GLU A 88 1.41 -18.97 17.74
N TYR A 89 2.72 -18.99 17.48
CA TYR A 89 3.42 -17.74 17.28
C TYR A 89 3.10 -17.13 15.91
N ARG A 90 2.98 -17.95 14.86
CA ARG A 90 2.51 -17.44 13.58
C ARG A 90 1.13 -16.81 13.72
N GLU A 91 0.25 -17.44 14.50
CA GLU A 91 -1.08 -16.87 14.72
C GLU A 91 -1.01 -15.53 15.43
N LYS A 92 -0.10 -15.39 16.40
CA LYS A 92 0.04 -14.13 17.11
C LYS A 92 0.48 -13.03 16.16
N VAL A 93 1.53 -13.29 15.37
CA VAL A 93 1.99 -12.31 14.40
C VAL A 93 0.89 -11.98 13.41
N GLU A 94 0.17 -13.00 12.94
CA GLU A 94 -0.92 -12.77 11.99
C GLU A 94 -2.01 -11.86 12.56
N THR A 95 -2.38 -12.07 13.83
CA THR A 95 -3.40 -11.24 14.45
C THR A 95 -2.93 -9.81 14.58
N GLU A 96 -1.65 -9.60 14.90
N GLU A 96 -1.65 -9.62 14.92
CA GLU A 96 -1.11 -8.25 14.99
CA GLU A 96 -1.09 -8.27 15.00
C GLU A 96 -1.06 -7.57 13.64
C GLU A 96 -1.10 -7.60 13.63
N LEU A 97 -0.69 -8.33 12.59
CA LEU A 97 -0.74 -7.80 11.24
C LEU A 97 -2.16 -7.42 10.84
N GLN A 98 -3.12 -8.30 11.11
CA GLN A 98 -4.52 -7.98 10.80
C GLN A 98 -4.97 -6.74 11.56
N GLY A 99 -4.49 -6.56 12.79
CA GLY A 99 -4.89 -5.38 13.54
C GLY A 99 -4.36 -4.10 12.93
N VAL A 100 -3.12 -4.12 12.43
CA VAL A 100 -2.59 -2.95 11.77
C VAL A 100 -3.35 -2.65 10.49
N CYS A 101 -3.65 -3.68 9.69
CA CYS A 101 -4.41 -3.47 8.47
C CYS A 101 -5.78 -2.89 8.78
N ASP A 102 -6.45 -3.45 9.81
CA ASP A 102 -7.76 -2.93 10.21
C ASP A 102 -7.67 -1.47 10.68
N THR A 103 -6.58 -1.11 11.37
CA THR A 103 -6.42 0.29 11.79
C THR A 103 -6.31 1.21 10.58
N VAL A 104 -5.48 0.85 9.60
CA VAL A 104 -5.32 1.66 8.40
C VAL A 104 -6.65 1.76 7.66
N LEU A 105 -7.31 0.62 7.45
CA LEU A 105 -8.58 0.64 6.76
C LEU A 105 -9.60 1.49 7.51
N GLY A 106 -9.52 1.48 8.84
CA GLY A 106 -10.44 2.29 9.62
C GLY A 106 -10.19 3.78 9.43
N LEU A 107 -8.92 4.19 9.34
CA LEU A 107 -8.61 5.59 9.07
C LEU A 107 -9.12 6.00 7.70
N LEU A 108 -8.96 5.11 6.71
CA LEU A 108 -9.42 5.45 5.37
C LEU A 108 -10.94 5.59 5.35
N ASP A 109 -11.63 4.75 6.13
CA ASP A 109 -13.09 4.77 6.17
C ASP A 109 -13.64 5.85 7.09
N SER A 110 -12.82 6.39 8.00
CA SER A 110 -13.28 7.38 8.99
C SER A 110 -12.21 8.44 9.20
N HIS A 111 -12.12 9.42 8.29
CA HIS A 111 -13.04 9.63 7.17
C HIS A 111 -12.26 10.10 5.94
N LEU A 112 -11.07 9.54 5.73
CA LEU A 112 -10.18 10.09 4.70
C LEU A 112 -10.78 9.98 3.30
N ILE A 113 -11.32 8.81 2.94
CA ILE A 113 -11.79 8.63 1.57
C ILE A 113 -12.99 9.51 1.29
N LYS A 114 -13.94 9.56 2.22
CA LYS A 114 -15.16 10.31 1.93
C LYS A 114 -14.92 11.80 1.77
N GLU A 115 -13.86 12.33 2.36
CA GLU A 115 -13.56 13.74 2.18
C GLU A 115 -12.59 14.00 1.03
N ALA A 116 -12.08 12.97 0.36
CA ALA A 116 -11.07 13.15 -0.67
C ALA A 116 -11.76 13.37 -2.01
N GLY A 117 -11.70 14.61 -2.51
CA GLY A 117 -12.37 14.96 -3.75
C GLY A 117 -11.44 15.09 -4.95
N ASP A 118 -10.22 15.54 -4.72
CA ASP A 118 -9.27 15.66 -5.82
C ASP A 118 -8.76 14.29 -6.20
N ALA A 119 -8.45 14.13 -7.48
CA ALA A 119 -7.98 12.83 -7.97
C ALA A 119 -6.73 12.36 -7.23
N GLU A 120 -5.76 13.25 -6.98
CA GLU A 120 -4.51 12.81 -6.34
C GLU A 120 -4.77 12.24 -4.95
N SER A 121 -5.66 12.86 -4.18
CA SER A 121 -5.92 12.30 -2.86
C SER A 121 -6.79 11.06 -2.93
N ARG A 122 -7.85 11.09 -3.73
CA ARG A 122 -8.78 9.97 -3.74
C ARG A 122 -8.12 8.71 -4.30
N VAL A 123 -7.35 8.84 -5.38
CA VAL A 123 -6.63 7.70 -5.92
C VAL A 123 -5.62 7.18 -4.91
N PHE A 124 -4.89 8.08 -4.24
CA PHE A 124 -3.92 7.65 -3.24
C PHE A 124 -4.58 6.81 -2.16
N TYR A 125 -5.71 7.28 -1.62
CA TYR A 125 -6.34 6.56 -0.51
C TYR A 125 -6.97 5.26 -0.99
N LEU A 126 -7.53 5.25 -2.20
CA LEU A 126 -8.13 4.00 -2.68
C LEU A 126 -7.06 2.96 -2.99
N LYS A 127 -5.91 3.39 -3.51
CA LYS A 127 -4.79 2.48 -3.68
C LYS A 127 -4.37 1.90 -2.34
N MET A 128 -4.29 2.75 -1.31
CA MET A 128 -3.97 2.28 0.03
C MET A 128 -4.99 1.24 0.50
N LYS A 129 -6.29 1.52 0.28
CA LYS A 129 -7.33 0.58 0.66
C LYS A 129 -7.13 -0.76 -0.04
N GLY A 130 -6.83 -0.74 -1.34
CA GLY A 130 -6.56 -1.99 -2.04
C GLY A 130 -5.35 -2.72 -1.47
N ASP A 131 -4.28 -1.96 -1.18
CA ASP A 131 -3.06 -2.56 -0.64
C ASP A 131 -3.32 -3.25 0.70
N TYR A 132 -4.07 -2.59 1.59
CA TYR A 132 -4.24 -3.19 2.93
C TYR A 132 -5.21 -4.35 2.91
N TYR A 133 -6.22 -4.33 2.05
CA TYR A 133 -7.00 -5.54 1.85
C TYR A 133 -6.14 -6.63 1.23
N ARG A 134 -5.21 -6.26 0.34
CA ARG A 134 -4.31 -7.26 -0.23
C ARG A 134 -3.44 -7.91 0.84
N TYR A 135 -2.94 -7.12 1.81
CA TYR A 135 -2.16 -7.72 2.89
C TYR A 135 -3.02 -8.64 3.75
N LEU A 136 -4.27 -8.25 4.01
CA LEU A 136 -5.20 -9.17 4.66
C LEU A 136 -5.39 -10.44 3.84
N ALA A 137 -5.48 -10.31 2.51
CA ALA A 137 -5.71 -11.51 1.69
C ALA A 137 -4.52 -12.46 1.73
N GLU A 138 -3.30 -11.92 1.88
CA GLU A 138 -2.10 -12.76 1.92
C GLU A 138 -2.16 -13.78 3.05
N VAL A 139 -2.87 -13.48 4.13
CA VAL A 139 -2.93 -14.36 5.30
C VAL A 139 -4.30 -15.01 5.49
N ALA A 140 -5.25 -14.71 4.63
CA ALA A 140 -6.61 -15.21 4.80
C ALA A 140 -6.71 -16.62 4.24
N THR A 141 -7.65 -17.39 4.80
CA THR A 141 -7.87 -18.77 4.36
C THR A 141 -9.36 -19.01 4.15
N GLY A 142 -9.73 -19.45 2.95
CA GLY A 142 -11.07 -19.95 2.70
C GLY A 142 -12.03 -18.97 2.03
N ASP A 143 -13.27 -18.96 2.49
CA ASP A 143 -14.26 -18.02 1.95
C ASP A 143 -14.07 -16.62 2.51
N ASP A 144 -13.52 -16.50 3.73
CA ASP A 144 -13.03 -15.20 4.19
C ASP A 144 -12.11 -14.60 3.14
N LYS A 145 -11.23 -15.42 2.57
CA LYS A 145 -10.33 -14.93 1.54
C LYS A 145 -11.10 -14.33 0.37
N LYS A 146 -12.22 -14.97 -0.04
CA LYS A 146 -12.94 -14.47 -1.20
C LYS A 146 -13.45 -13.06 -1.01
N ARG A 147 -14.09 -12.76 0.13
CA ARG A 147 -14.64 -11.43 0.30
C ARG A 147 -13.54 -10.40 0.48
N ILE A 148 -12.45 -10.76 1.16
CA ILE A 148 -11.30 -9.85 1.29
C ILE A 148 -10.71 -9.54 -0.07
N ILE A 149 -10.54 -10.56 -0.91
CA ILE A 149 -10.01 -10.37 -2.26
C ILE A 149 -10.91 -9.44 -3.06
N ASP A 150 -12.22 -9.64 -2.98
CA ASP A 150 -13.12 -8.74 -3.70
C ASP A 150 -13.05 -7.31 -3.19
N SER A 151 -12.85 -7.12 -1.88
CA SER A 151 -12.70 -5.78 -1.36
C SER A 151 -11.43 -5.11 -1.90
N ALA A 152 -10.33 -5.86 -1.97
CA ALA A 152 -9.12 -5.30 -2.57
C ALA A 152 -9.36 -4.94 -4.02
N ARG A 153 -9.94 -5.87 -4.78
N ARG A 153 -9.93 -5.87 -4.79
CA ARG A 153 -10.19 -5.64 -6.21
CA ARG A 153 -10.20 -5.64 -6.20
C ARG A 153 -11.07 -4.41 -6.42
C ARG A 153 -11.06 -4.41 -6.41
N SER A 154 -12.11 -4.27 -5.60
CA SER A 154 -13.04 -3.16 -5.78
C SER A 154 -12.36 -1.82 -5.52
N ALA A 155 -11.51 -1.76 -4.49
CA ALA A 155 -10.82 -0.51 -4.20
C ALA A 155 -9.85 -0.16 -5.32
N TYR A 156 -9.03 -1.15 -5.75
CA TYR A 156 -8.11 -0.90 -6.85
C TYR A 156 -8.84 -0.48 -8.10
N GLN A 157 -9.97 -1.12 -8.39
CA GLN A 157 -10.71 -0.80 -9.62
C GLN A 157 -11.25 0.62 -9.61
N GLU A 158 -11.82 1.06 -8.48
CA GLU A 158 -12.27 2.46 -8.41
C GLU A 158 -11.11 3.41 -8.59
N ALA A 159 -9.97 3.11 -7.95
CA ALA A 159 -8.79 3.98 -8.12
C ALA A 159 -8.35 4.01 -9.58
N MET A 160 -8.37 2.84 -10.24
CA MET A 160 -7.96 2.77 -11.64
C MET A 160 -8.89 3.62 -12.51
N ASP A 161 -10.19 3.49 -12.28
CA ASP A 161 -11.15 4.25 -13.09
C ASP A 161 -10.90 5.75 -12.96
N ILE A 162 -10.71 6.24 -11.72
CA ILE A 162 -10.43 7.66 -11.53
C ILE A 162 -9.12 8.04 -12.20
N SER A 163 -8.08 7.22 -12.01
CA SER A 163 -6.75 7.59 -12.50
C SER A 163 -6.72 7.67 -14.02
N LYS A 164 -7.47 6.81 -14.70
CA LYS A 164 -7.46 6.85 -16.16
C LYS A 164 -8.20 8.08 -16.67
N LYS A 165 -9.20 8.54 -15.93
CA LYS A 165 -9.97 9.71 -16.35
C LYS A 165 -9.26 11.01 -16.02
N GLU A 166 -8.52 11.07 -14.90
CA GLU A 166 -8.07 12.32 -14.31
C GLU A 166 -6.57 12.56 -14.28
N MET A 167 -5.73 11.56 -14.56
CA MET A 167 -4.30 11.74 -14.45
C MET A 167 -3.62 11.32 -15.75
N PRO A 168 -2.48 11.92 -16.08
CA PRO A 168 -1.73 11.47 -17.25
C PRO A 168 -1.12 10.10 -17.00
N PRO A 169 -0.82 9.35 -18.05
CA PRO A 169 -0.31 7.99 -17.87
C PRO A 169 1.05 7.93 -17.20
N THR A 170 1.77 9.05 -17.09
CA THR A 170 3.04 9.06 -16.37
C THR A 170 2.92 9.46 -14.92
N ASN A 171 1.72 9.79 -14.44
CA ASN A 171 1.61 10.27 -13.07
C ASN A 171 2.10 9.19 -12.11
N PRO A 172 3.01 9.49 -11.19
CA PRO A 172 3.58 8.43 -10.34
C PRO A 172 2.55 7.68 -9.50
N ILE A 173 1.49 8.36 -9.04
CA ILE A 173 0.46 7.66 -8.29
C ILE A 173 -0.27 6.68 -9.20
N ARG A 174 -0.63 7.12 -10.39
CA ARG A 174 -1.28 6.24 -11.36
C ARG A 174 -0.38 5.04 -11.69
N LEU A 175 0.92 5.28 -11.87
CA LEU A 175 1.84 4.20 -12.19
C LEU A 175 1.97 3.22 -11.03
N GLY A 176 2.09 3.73 -9.79
CA GLY A 176 2.22 2.84 -8.66
C GLY A 176 0.95 2.06 -8.37
N LEU A 177 -0.21 2.68 -8.61
CA LEU A 177 -1.46 1.96 -8.49
C LEU A 177 -1.51 0.79 -9.47
N ALA A 178 -1.16 1.04 -10.72
CA ALA A 178 -1.18 -0.03 -11.72
C ALA A 178 -0.18 -1.12 -11.38
N LEU A 179 1.02 -0.73 -10.93
CA LEU A 179 2.00 -1.72 -10.48
C LEU A 179 1.41 -2.61 -9.40
N ASN A 180 0.81 -2.01 -8.37
CA ASN A 180 0.32 -2.81 -7.25
C ASN A 180 -0.92 -3.63 -7.63
N PHE A 181 -1.79 -3.09 -8.48
CA PHE A 181 -2.94 -3.88 -8.95
C PHE A 181 -2.46 -5.05 -9.77
N SER A 182 -1.41 -4.85 -10.58
N SER A 182 -1.40 -4.86 -10.58
CA SER A 182 -0.82 -5.94 -11.33
CA SER A 182 -0.85 -5.99 -11.33
C SER A 182 -0.30 -7.04 -10.40
C SER A 182 -0.30 -7.05 -10.40
N VAL A 183 0.34 -6.64 -9.30
CA VAL A 183 0.81 -7.62 -8.31
C VAL A 183 -0.37 -8.33 -7.66
N PHE A 184 -1.44 -7.59 -7.36
CA PHE A 184 -2.66 -8.21 -6.87
C PHE A 184 -3.14 -9.30 -7.83
N HIS A 185 -3.20 -8.98 -9.12
CA HIS A 185 -3.66 -9.97 -10.09
C HIS A 185 -2.77 -11.20 -10.08
N TYR A 186 -1.44 -10.99 -10.05
CA TYR A 186 -0.50 -12.11 -10.17
C TYR A 186 -0.47 -12.94 -8.90
N GLU A 187 -0.37 -12.29 -7.74
CA GLU A 187 -0.07 -13.01 -6.50
C GLU A 187 -1.32 -13.41 -5.72
N ILE A 188 -2.41 -12.67 -5.85
CA ILE A 188 -3.61 -12.87 -5.04
C ILE A 188 -4.74 -13.49 -5.84
N ALA A 189 -5.04 -12.92 -7.02
CA ALA A 189 -6.22 -13.28 -7.78
C ALA A 189 -5.98 -14.42 -8.75
N ASN A 190 -4.78 -14.98 -8.79
CA ASN A 190 -4.47 -16.10 -9.70
C ASN A 190 -4.80 -15.72 -11.15
N SER A 191 -4.45 -14.49 -11.52
CA SER A 191 -4.71 -13.95 -12.87
C SER A 191 -3.41 -13.42 -13.44
N PRO A 192 -2.42 -14.29 -13.69
CA PRO A 192 -1.13 -13.80 -14.20
C PRO A 192 -1.25 -13.14 -15.56
N GLU A 193 -2.16 -13.59 -16.40
CA GLU A 193 -2.28 -12.95 -17.71
C GLU A 193 -2.78 -11.53 -17.58
N GLU A 194 -3.74 -11.28 -16.66
CA GLU A 194 -4.22 -9.92 -16.44
C GLU A 194 -3.11 -9.06 -15.84
N ALA A 195 -2.30 -9.65 -14.96
CA ALA A 195 -1.16 -8.92 -14.38
C ALA A 195 -0.19 -8.47 -15.45
N ILE A 196 0.16 -9.37 -16.36
CA ILE A 196 1.12 -9.06 -17.43
C ILE A 196 0.54 -8.03 -18.38
N SER A 197 -0.73 -8.19 -18.77
N SER A 197 -0.73 -8.19 -18.76
CA SER A 197 -1.37 -7.24 -19.67
CA SER A 197 -1.37 -7.25 -19.68
C SER A 197 -1.41 -5.85 -19.07
C SER A 197 -1.42 -5.85 -19.07
N LEU A 198 -1.80 -5.75 -17.80
CA LEU A 198 -1.86 -4.44 -17.15
C LEU A 198 -0.47 -3.81 -17.06
N ALA A 199 0.54 -4.59 -16.70
CA ALA A 199 1.87 -4.02 -16.58
C ALA A 199 2.39 -3.55 -17.93
N LYS A 200 2.15 -4.33 -18.99
CA LYS A 200 2.63 -3.96 -20.32
C LYS A 200 1.92 -2.71 -20.82
N THR A 201 0.59 -2.69 -20.73
CA THR A 201 -0.16 -1.53 -21.21
C THR A 201 0.22 -0.27 -20.42
N THR A 202 0.36 -0.39 -19.10
CA THR A 202 0.76 0.76 -18.30
C THR A 202 2.12 1.27 -18.73
N PHE A 203 3.09 0.36 -18.90
CA PHE A 203 4.43 0.77 -19.30
C PHE A 203 4.41 1.48 -20.65
N ASP A 204 3.71 0.89 -21.62
CA ASP A 204 3.72 1.43 -22.98
C ASP A 204 3.06 2.80 -23.02
N GLU A 205 1.96 2.97 -22.30
CA GLU A 205 1.28 4.26 -22.31
C GLU A 205 2.08 5.32 -21.60
N ALA A 206 2.82 4.94 -20.55
CA ALA A 206 3.71 5.91 -19.91
C ALA A 206 4.86 6.29 -20.83
N MET A 207 5.49 5.31 -21.47
CA MET A 207 6.58 5.60 -22.40
C MET A 207 6.21 6.68 -23.40
N ALA A 208 5.01 6.56 -23.97
CA ALA A 208 4.54 7.48 -24.99
C ALA A 208 4.25 8.87 -24.47
N ASP A 209 4.19 9.05 -23.15
CA ASP A 209 3.90 10.34 -22.52
C ASP A 209 5.14 10.99 -21.89
N LEU A 210 6.29 10.30 -21.91
CA LEU A 210 7.48 10.84 -21.24
C LEU A 210 7.95 12.14 -21.88
N HIS A 211 7.70 12.33 -23.18
CA HIS A 211 8.18 13.54 -23.86
C HIS A 211 7.59 14.81 -23.28
N THR A 212 6.48 14.72 -22.54
CA THR A 212 5.84 15.90 -21.97
C THR A 212 6.45 16.36 -20.65
N LEU A 213 7.36 15.59 -20.08
CA LEU A 213 7.80 15.76 -18.71
C LEU A 213 9.10 16.56 -18.61
N SER A 214 9.25 17.26 -17.49
CA SER A 214 10.52 17.85 -17.10
C SER A 214 11.52 16.75 -16.72
N GLU A 215 12.77 17.17 -16.57
CA GLU A 215 13.81 16.23 -16.16
C GLU A 215 13.47 15.55 -14.83
N ASP A 216 12.96 16.32 -13.87
CA ASP A 216 12.67 15.74 -12.56
C ASP A 216 11.48 14.80 -12.60
N SER A 217 10.42 15.17 -13.32
CA SER A 217 9.27 14.29 -13.46
C SER A 217 9.63 13.04 -14.26
N TYR A 218 10.49 13.20 -15.28
CA TYR A 218 10.96 12.05 -16.06
C TYR A 218 11.64 11.04 -15.15
N LYS A 219 12.47 11.51 -14.23
CA LYS A 219 13.13 10.61 -13.29
C LYS A 219 12.11 9.90 -12.41
N ASP A 220 11.10 10.62 -11.92
CA ASP A 220 10.10 10.00 -11.05
C ASP A 220 9.34 8.92 -11.80
N SER A 221 8.89 9.22 -13.02
CA SER A 221 8.08 8.26 -13.77
C SER A 221 8.89 7.06 -14.24
N THR A 222 10.12 7.29 -14.73
CA THR A 222 10.89 6.16 -15.24
C THR A 222 11.31 5.23 -14.12
N LEU A 223 11.48 5.74 -12.90
CA LEU A 223 11.79 4.85 -11.78
C LEU A 223 10.69 3.81 -11.60
N ILE A 224 9.44 4.22 -11.61
CA ILE A 224 8.33 3.28 -11.41
C ILE A 224 8.16 2.41 -12.64
N MET A 225 8.38 2.97 -13.84
CA MET A 225 8.28 2.16 -15.05
C MET A 225 9.28 1.01 -14.98
N GLN A 226 10.46 1.25 -14.39
CA GLN A 226 11.43 0.17 -14.27
C GLN A 226 10.93 -0.94 -13.37
N LEU A 227 10.16 -0.59 -12.33
CA LEU A 227 9.56 -1.62 -11.49
C LEU A 227 8.56 -2.45 -12.28
N LEU A 228 7.78 -1.82 -13.16
CA LEU A 228 6.89 -2.59 -14.03
C LEU A 228 7.70 -3.55 -14.89
N ARG A 229 8.80 -3.06 -15.48
CA ARG A 229 9.63 -3.90 -16.33
C ARG A 229 10.26 -5.04 -15.55
N ASP A 230 10.68 -4.77 -14.30
CA ASP A 230 11.25 -5.83 -13.47
C ASP A 230 10.25 -6.94 -13.24
N ASN A 231 8.98 -6.60 -12.96
CA ASN A 231 7.96 -7.62 -12.77
C ASN A 231 7.72 -8.38 -14.07
N LEU A 232 7.65 -7.65 -15.18
CA LEU A 232 7.41 -8.32 -16.45
C LEU A 232 8.53 -9.30 -16.78
N THR A 233 9.77 -8.94 -16.43
CA THR A 233 10.89 -9.85 -16.66
C THR A 233 10.77 -11.10 -15.80
N LEU A 234 10.29 -10.95 -14.57
CA LEU A 234 10.14 -12.11 -13.71
C LEU A 234 8.96 -12.98 -14.14
N TRP A 235 7.93 -12.38 -14.75
CA TRP A 235 6.70 -13.08 -15.07
C TRP A 235 6.69 -13.67 -16.48
N THR A 236 7.63 -13.30 -17.32
CA THR A 236 7.68 -13.79 -18.69
C THR A 236 9.07 -14.32 -19.04
N ALA B 5 5.42 -10.48 -7.75
CA ALA B 5 6.79 -9.96 -7.68
C ALA B 5 6.90 -8.78 -6.72
N GLY B 6 7.26 -7.61 -7.25
CA GLY B 6 7.44 -6.44 -6.41
C GLY B 6 6.40 -5.34 -6.52
N SEP B 7 5.75 -5.01 -5.41
CA SEP B 7 4.92 -3.82 -5.31
CB SEP B 7 3.96 -3.95 -4.13
OG SEP B 7 4.76 -4.06 -2.96
C SEP B 7 5.79 -2.59 -5.10
O SEP B 7 7.01 -2.72 -4.96
P SEP B 7 3.96 -4.52 -1.66
O1P SEP B 7 3.50 -6.01 -1.84
O2P SEP B 7 5.06 -4.40 -0.50
O3P SEP B 7 2.73 -3.56 -1.42
N ILE B 8 5.18 -1.41 -5.06
CA ILE B 8 5.88 -0.17 -4.73
C ILE B 8 6.54 -0.37 -3.36
N PRO B 9 7.87 -0.20 -3.26
CA PRO B 9 8.49 -0.39 -1.93
C PRO B 9 7.93 0.54 -0.87
N GLY B 10 7.87 1.84 -1.15
CA GLY B 10 7.07 2.75 -0.36
C GLY B 10 7.46 2.90 1.09
N ARG B 11 8.72 2.64 1.43
CA ARG B 11 9.15 2.69 2.82
C ARG B 11 10.05 3.88 3.13
N ARG B 12 10.24 4.80 2.19
CA ARG B 12 11.11 5.95 2.39
C ARG B 12 10.41 7.22 1.91
N SER B 13 10.37 8.24 2.78
CA SER B 13 9.86 9.56 2.42
C SER B 13 10.67 10.64 3.10
C03 V3Z C . 4.68 7.35 -5.40
C04 V3Z C . 4.23 7.20 -4.09
C08 V3Z C . 6.99 6.54 -2.59
C09 V3Z C . 6.45 5.14 -2.78
C10 V3Z C . 8.17 6.54 -1.64
C12 V3Z C . 3.37 6.16 -3.77
C13 V3Z C . 2.97 5.27 -4.76
C14 V3Z C . 3.42 5.41 -6.06
C15 V3Z C . 4.27 6.45 -6.37
C16 V3Z C . 2.03 4.12 -4.40
N02 V3Z C . 5.57 8.44 -5.76
O01 V3Z C . 5.29 9.55 -5.48
O05 V3Z C . 4.62 8.11 -3.08
O07 V3Z C . 6.31 8.75 -1.18
O11 V3Z C . 4.95 6.91 -0.76
O17 V3Z C . 6.76 8.16 -6.46
S06 V3Z C . 5.68 7.60 -1.90
CL CL D . -12.20 17.46 0.33
CA CA E . -4.69 22.72 17.59
#